data_2LOC
#
_entry.id   2LOC
#
_entity_poly.entity_id   1
_entity_poly.type   'polypeptide(L)'
_entity_poly.pdbx_seq_one_letter_code
;V(DAL)ERCCKNGKRGCGRWCRDHSRCC(NH2)
;
_entity_poly.pdbx_strand_id   A
#
loop_
_chem_comp.id
_chem_comp.type
_chem_comp.name
_chem_comp.formula
NH2 non-polymer 'AMINO GROUP' 'H2 N'
#
# COMPACT_ATOMS: atom_id res chain seq x y z
N VAL A 1 -9.79 -3.30 -3.79
CA VAL A 1 -9.02 -2.52 -2.77
C VAL A 1 -7.61 -3.10 -2.63
N DAL A 2 -6.67 -2.31 -2.16
CA DAL A 2 -5.27 -2.80 -2.01
CB DAL A 2 -4.83 -2.35 -0.62
C DAL A 2 -4.34 -2.21 -3.08
O DAL A 2 -3.18 -2.56 -3.16
H DAL A 2 -6.89 -1.39 -1.92
HA DAL A 2 -5.25 -3.88 -2.05
HB1 DAL A 2 -4.12 -3.06 -0.22
HB2 DAL A 2 -5.69 -2.29 0.03
HB3 DAL A 2 -4.37 -1.38 -0.68
N GLU A 3 -4.85 -1.33 -3.91
CA GLU A 3 -4.00 -0.74 -4.99
C GLU A 3 -3.15 0.44 -4.49
N ARG A 4 -3.68 1.26 -3.62
CA ARG A 4 -2.93 2.48 -3.14
C ARG A 4 -1.46 2.18 -2.84
N CYS A 5 -1.16 1.16 -2.08
CA CYS A 5 0.28 0.88 -1.75
C CYS A 5 1.13 0.72 -3.01
N CYS A 6 1.02 -0.38 -3.69
CA CYS A 6 1.86 -0.59 -4.91
C CYS A 6 1.63 0.53 -5.94
N LYS A 7 0.45 1.09 -6.00
CA LYS A 7 0.19 2.19 -6.97
C LYS A 7 0.99 3.44 -6.59
N ASN A 8 0.90 3.85 -5.36
CA ASN A 8 1.62 5.08 -4.91
C ASN A 8 3.08 4.77 -4.55
N GLY A 9 3.44 3.53 -4.48
CA GLY A 9 4.85 3.18 -4.11
C GLY A 9 5.20 3.86 -2.79
N LYS A 10 6.08 4.82 -2.85
CA LYS A 10 6.49 5.54 -1.61
C LYS A 10 5.27 6.22 -0.95
N ARG A 11 4.28 6.55 -1.72
CA ARG A 11 3.06 7.19 -1.14
C ARG A 11 2.05 6.14 -0.70
N GLY A 12 2.21 4.94 -1.16
CA GLY A 12 1.25 3.87 -0.80
C GLY A 12 1.71 3.13 0.46
N CYS A 13 2.98 3.13 0.76
CA CYS A 13 3.46 2.40 1.98
C CYS A 13 2.87 3.07 3.23
N GLY A 14 2.22 2.31 4.08
CA GLY A 14 1.62 2.89 5.33
C GLY A 14 0.81 1.83 6.06
N ARG A 15 0.33 2.14 7.24
CA ARG A 15 -0.48 1.16 8.05
C ARG A 15 -1.59 0.52 7.21
N TRP A 16 -2.25 1.28 6.37
CA TRP A 16 -3.34 0.69 5.53
C TRP A 16 -2.72 -0.30 4.56
N CYS A 17 -1.77 0.13 3.78
CA CYS A 17 -1.10 -0.78 2.82
C CYS A 17 -0.54 -1.97 3.61
N ARG A 18 0.16 -1.70 4.67
CA ARG A 18 0.74 -2.79 5.51
C ARG A 18 -0.31 -3.89 5.75
N ASP A 19 -1.55 -3.52 5.97
CA ASP A 19 -2.63 -4.52 6.23
C ASP A 19 -3.41 -4.88 4.95
N HIS A 20 -3.75 -3.89 4.15
CA HIS A 20 -4.57 -4.17 2.93
C HIS A 20 -3.72 -4.40 1.67
N SER A 21 -2.49 -3.99 1.67
CA SER A 21 -1.64 -4.17 0.45
C SER A 21 -0.60 -5.28 0.62
N ARG A 22 -0.22 -5.91 -0.46
CA ARG A 22 0.80 -7.01 -0.38
C ARG A 22 2.18 -6.38 -0.27
N CYS A 23 2.50 -5.43 -1.12
CA CYS A 23 3.83 -4.76 -1.04
C CYS A 23 3.85 -3.83 0.18
N CYS A 24 4.99 -3.65 0.79
CA CYS A 24 5.10 -2.77 2.01
C CYS A 24 4.33 -3.37 3.20
N NH2 A 25 3.10 -3.74 3.05
HN1 NH2 A 25 2.62 -4.14 3.81
HN2 NH2 A 25 2.64 -3.63 2.19
N VAL A 1 -9.69 -3.23 -3.69
CA VAL A 1 -8.92 -2.37 -2.74
C VAL A 1 -7.53 -2.98 -2.49
N DAL A 2 -6.58 -2.19 -2.04
CA DAL A 2 -5.22 -2.73 -1.79
CB DAL A 2 -4.80 -2.14 -0.44
C DAL A 2 -4.25 -2.29 -2.88
O DAL A 2 -3.10 -2.69 -2.88
H DAL A 2 -6.78 -1.24 -1.88
HA DAL A 2 -5.25 -3.80 -1.72
HB1 DAL A 2 -5.66 -1.86 0.14
HB2 DAL A 2 -4.18 -1.27 -0.61
HB3 DAL A 2 -4.22 -2.88 0.10
N GLU A 3 -4.68 -1.46 -3.79
CA GLU A 3 -3.78 -1.01 -4.89
C GLU A 3 -3.00 0.25 -4.50
N ARG A 4 -3.61 1.13 -3.74
CA ARG A 4 -2.92 2.41 -3.34
C ARG A 4 -1.47 2.16 -2.93
N CYS A 5 -1.22 1.11 -2.19
CA CYS A 5 0.18 0.83 -1.77
C CYS A 5 1.08 0.61 -2.98
N CYS A 6 0.93 -0.50 -3.67
CA CYS A 6 1.79 -0.76 -4.87
C CYS A 6 1.63 0.37 -5.90
N LYS A 7 0.47 0.98 -5.97
CA LYS A 7 0.26 2.09 -6.95
C LYS A 7 1.11 3.30 -6.56
N ASN A 8 0.90 3.83 -5.38
CA ASN A 8 1.67 5.04 -4.94
C ASN A 8 3.10 4.71 -4.52
N GLY A 9 3.43 3.46 -4.37
CA GLY A 9 4.81 3.10 -3.94
C GLY A 9 5.15 3.81 -2.63
N LYS A 10 6.04 4.76 -2.70
CA LYS A 10 6.43 5.51 -1.46
C LYS A 10 5.21 6.21 -0.84
N ARG A 11 4.25 6.56 -1.65
CA ARG A 11 3.04 7.25 -1.09
C ARG A 11 2.04 6.23 -0.54
N GLY A 12 2.15 5.00 -0.93
CA GLY A 12 1.20 3.97 -0.44
C GLY A 12 1.93 3.02 0.53
N CYS A 13 2.95 3.47 1.20
CA CYS A 13 3.69 2.59 2.14
C CYS A 13 3.27 2.88 3.58
N GLY A 14 1.99 2.97 3.85
CA GLY A 14 1.52 3.24 5.23
C GLY A 14 0.89 1.99 5.83
N ARG A 15 0.41 2.08 7.06
CA ARG A 15 -0.22 0.90 7.73
C ARG A 15 -1.32 0.32 6.85
N TRP A 16 -2.19 1.15 6.32
CA TRP A 16 -3.28 0.65 5.45
C TRP A 16 -2.71 -0.29 4.39
N CYS A 17 -1.66 0.13 3.73
CA CYS A 17 -1.04 -0.75 2.69
C CYS A 17 -0.52 -2.02 3.35
N ARG A 18 0.17 -1.88 4.45
CA ARG A 18 0.71 -3.08 5.16
C ARG A 18 -0.42 -4.07 5.49
N ASP A 19 -1.60 -3.59 5.79
CA ASP A 19 -2.73 -4.51 6.14
C ASP A 19 -3.61 -4.83 4.92
N HIS A 20 -3.96 -3.84 4.15
CA HIS A 20 -4.83 -4.08 2.95
C HIS A 20 -4.02 -4.45 1.71
N SER A 21 -2.75 -4.12 1.69
CA SER A 21 -1.92 -4.42 0.48
C SER A 21 -0.87 -5.49 0.76
N ARG A 22 -0.32 -6.06 -0.28
CA ARG A 22 0.75 -7.08 -0.12
C ARG A 22 2.13 -6.42 -0.28
N CYS A 23 2.17 -5.20 -0.78
CA CYS A 23 3.49 -4.51 -0.97
C CYS A 23 3.81 -3.68 0.28
N CYS A 24 4.99 -3.12 0.34
CA CYS A 24 5.38 -2.27 1.51
C CYS A 24 4.97 -2.90 2.86
N NH2 A 25 5.16 -4.18 3.03
HN1 NH2 A 25 4.91 -4.60 3.89
HN2 NH2 A 25 5.55 -4.72 2.32
N VAL A 1 -10.37 -3.19 -2.00
CA VAL A 1 -9.20 -2.28 -2.20
C VAL A 1 -7.88 -3.06 -2.07
N DAL A 2 -6.78 -2.36 -2.14
CA DAL A 2 -5.45 -3.04 -2.02
CB DAL A 2 -4.78 -2.42 -0.80
C DAL A 2 -4.63 -2.75 -3.27
O DAL A 2 -4.26 -3.64 -4.02
H DAL A 2 -6.82 -1.40 -2.29
HA DAL A 2 -5.57 -4.09 -1.89
HB1 DAL A 2 -5.53 -2.17 -0.06
HB2 DAL A 2 -4.25 -1.52 -1.09
HB3 DAL A 2 -4.09 -3.13 -0.37
N GLU A 3 -4.36 -1.50 -3.51
CA GLU A 3 -3.58 -1.11 -4.72
C GLU A 3 -2.80 0.18 -4.47
N ARG A 4 -3.38 1.13 -3.77
CA ARG A 4 -2.68 2.42 -3.49
C ARG A 4 -1.23 2.15 -3.09
N CYS A 5 -1.01 1.18 -2.25
CA CYS A 5 0.38 0.86 -1.80
C CYS A 5 1.28 0.56 -3.00
N CYS A 6 0.90 -0.37 -3.83
CA CYS A 6 1.75 -0.72 -5.02
C CYS A 6 1.62 0.36 -6.10
N LYS A 7 0.59 1.15 -6.06
CA LYS A 7 0.41 2.22 -7.11
C LYS A 7 1.16 3.49 -6.71
N ASN A 8 1.13 3.86 -5.46
CA ASN A 8 1.81 5.11 -5.01
C ASN A 8 3.26 4.86 -4.58
N GLY A 9 3.70 3.64 -4.56
CA GLY A 9 5.10 3.36 -4.13
C GLY A 9 5.32 3.92 -2.73
N LYS A 10 6.17 4.91 -2.60
CA LYS A 10 6.44 5.51 -1.26
C LYS A 10 5.18 6.18 -0.70
N ARG A 11 4.27 6.57 -1.55
CA ARG A 11 3.01 7.21 -1.05
C ARG A 11 2.01 6.11 -0.67
N GLY A 12 2.28 4.91 -1.09
CA GLY A 12 1.37 3.78 -0.78
C GLY A 12 1.77 3.12 0.55
N CYS A 13 3.04 3.12 0.87
CA CYS A 13 3.49 2.49 2.16
C CYS A 13 2.74 3.12 3.36
N GLY A 14 2.27 2.31 4.26
CA GLY A 14 1.54 2.87 5.44
C GLY A 14 0.67 1.78 6.06
N ARG A 15 0.10 2.03 7.22
CA ARG A 15 -0.76 1.01 7.90
C ARG A 15 -1.80 0.45 6.93
N TRP A 16 -2.55 1.29 6.26
CA TRP A 16 -3.57 0.77 5.29
C TRP A 16 -2.93 -0.24 4.36
N CYS A 17 -1.85 0.14 3.72
CA CYS A 17 -1.15 -0.82 2.81
C CYS A 17 -0.70 -2.02 3.64
N ARG A 18 -0.01 -1.78 4.72
CA ARG A 18 0.46 -2.90 5.59
C ARG A 18 -0.67 -3.91 5.83
N ASP A 19 -1.89 -3.46 5.98
CA ASP A 19 -3.02 -4.41 6.24
C ASP A 19 -3.76 -4.79 4.95
N HIS A 20 -4.04 -3.85 4.10
CA HIS A 20 -4.81 -4.15 2.85
C HIS A 20 -3.90 -4.44 1.65
N SER A 21 -2.64 -4.09 1.71
CA SER A 21 -1.75 -4.33 0.54
C SER A 21 -0.75 -5.47 0.76
N ARG A 22 -0.11 -5.85 -0.30
CA ARG A 22 0.94 -6.92 -0.25
C ARG A 22 2.32 -6.25 -0.38
N CYS A 23 2.39 -5.20 -1.17
CA CYS A 23 3.70 -4.48 -1.35
C CYS A 23 4.07 -3.76 -0.05
N CYS A 24 5.17 -3.06 -0.02
CA CYS A 24 5.59 -2.32 1.22
C CYS A 24 5.82 -3.31 2.38
N NH2 A 25 6.10 -4.55 2.12
HN1 NH2 A 25 6.24 -5.19 2.85
HN2 NH2 A 25 6.17 -4.86 1.19
N VAL A 1 -9.61 -4.29 -2.19
CA VAL A 1 -8.75 -3.12 -2.48
C VAL A 1 -7.27 -3.51 -2.32
N DAL A 2 -6.38 -2.55 -2.35
CA DAL A 2 -4.93 -2.89 -2.19
CB DAL A 2 -4.61 -2.56 -0.73
C DAL A 2 -4.06 -2.05 -3.15
O DAL A 2 -2.87 -1.87 -2.94
H DAL A 2 -6.67 -1.63 -2.49
HA DAL A 2 -4.77 -3.93 -2.37
HB1 DAL A 2 -4.03 -1.66 -0.67
HB2 DAL A 2 -4.05 -3.37 -0.29
HB3 DAL A 2 -5.53 -2.42 -0.19
N GLU A 3 -4.64 -1.58 -4.23
CA GLU A 3 -3.87 -0.81 -5.26
C GLU A 3 -3.17 0.44 -4.69
N ARG A 4 -3.77 1.14 -3.78
CA ARG A 4 -3.14 2.40 -3.24
C ARG A 4 -1.65 2.22 -2.93
N CYS A 5 -1.28 1.19 -2.21
CA CYS A 5 0.16 0.99 -1.87
C CYS A 5 1.02 0.74 -3.10
N CYS A 6 0.75 -0.31 -3.84
CA CYS A 6 1.58 -0.61 -5.04
C CYS A 6 1.49 0.56 -6.03
N LYS A 7 0.40 1.30 -6.03
CA LYS A 7 0.29 2.46 -6.97
C LYS A 7 1.10 3.65 -6.44
N ASN A 8 0.94 3.97 -5.19
CA ASN A 8 1.66 5.14 -4.60
C ASN A 8 3.14 4.86 -4.38
N GLY A 9 3.56 3.63 -4.43
CA GLY A 9 5.01 3.33 -4.21
C GLY A 9 5.45 3.92 -2.88
N LYS A 10 6.26 4.96 -2.92
CA LYS A 10 6.73 5.61 -1.65
C LYS A 10 5.53 6.14 -0.86
N ARG A 11 4.47 6.46 -1.53
CA ARG A 11 3.25 6.97 -0.82
C ARG A 11 2.36 5.79 -0.40
N GLY A 12 2.62 4.64 -0.95
CA GLY A 12 1.80 3.45 -0.64
C GLY A 12 2.12 2.90 0.74
N CYS A 13 3.38 2.77 1.08
CA CYS A 13 3.74 2.21 2.42
C CYS A 13 3.06 3.01 3.54
N GLY A 14 2.08 2.41 4.17
CA GLY A 14 1.34 3.09 5.28
C GLY A 14 0.51 2.03 6.01
N ARG A 15 -0.04 2.36 7.15
CA ARG A 15 -0.85 1.37 7.92
C ARG A 15 -1.89 0.69 7.02
N TRP A 16 -2.64 1.43 6.27
CA TRP A 16 -3.66 0.80 5.37
C TRP A 16 -2.97 -0.20 4.45
N CYS A 17 -1.99 0.24 3.72
CA CYS A 17 -1.25 -0.68 2.80
C CYS A 17 -0.62 -1.82 3.60
N ARG A 18 0.11 -1.49 4.64
CA ARG A 18 0.76 -2.53 5.48
C ARG A 18 -0.22 -3.66 5.83
N ASP A 19 -1.47 -3.32 6.04
CA ASP A 19 -2.47 -4.38 6.39
C ASP A 19 -3.20 -4.87 5.13
N HIS A 20 -3.65 -3.97 4.29
CA HIS A 20 -4.39 -4.38 3.06
C HIS A 20 -3.43 -4.71 1.92
N SER A 21 -2.72 -3.72 1.42
CA SER A 21 -1.78 -3.93 0.27
C SER A 21 -0.76 -5.04 0.54
N ARG A 22 -0.50 -5.84 -0.46
CA ARG A 22 0.53 -6.91 -0.30
C ARG A 22 1.91 -6.27 -0.44
N CYS A 23 2.05 -5.32 -1.34
CA CYS A 23 3.36 -4.64 -1.47
C CYS A 23 3.56 -3.77 -0.22
N CYS A 24 4.76 -3.64 0.27
CA CYS A 24 4.99 -2.85 1.53
C CYS A 24 4.37 -3.59 2.72
N NH2 A 25 4.23 -4.89 2.67
HN1 NH2 A 25 3.83 -5.38 3.41
HN2 NH2 A 25 4.53 -5.39 1.88
N VAL A 1 -9.88 -3.35 -1.75
CA VAL A 1 -8.89 -2.28 -2.06
C VAL A 1 -7.47 -2.86 -1.90
N DAL A 2 -6.46 -2.06 -2.13
CA DAL A 2 -5.06 -2.57 -1.96
CB DAL A 2 -4.68 -2.26 -0.51
C DAL A 2 -4.10 -1.87 -2.94
O DAL A 2 -2.93 -1.67 -2.65
H DAL A 2 -6.62 -1.13 -2.39
HA DAL A 2 -5.04 -3.63 -2.13
HB1 DAL A 2 -4.00 -1.42 -0.49
HB2 DAL A 2 -4.22 -3.12 -0.08
HB3 DAL A 2 -5.58 -2.01 0.05
N GLU A 3 -4.58 -1.52 -4.10
CA GLU A 3 -3.72 -0.87 -5.15
C GLU A 3 -2.91 0.33 -4.64
N ARG A 4 -3.45 1.13 -3.75
CA ARG A 4 -2.72 2.35 -3.27
C ARG A 4 -1.24 2.08 -2.97
N CYS A 5 -0.93 1.06 -2.22
CA CYS A 5 0.50 0.77 -1.88
C CYS A 5 1.34 0.52 -3.14
N CYS A 6 1.10 -0.57 -3.82
CA CYS A 6 1.90 -0.87 -5.05
C CYS A 6 1.75 0.25 -6.10
N LYS A 7 0.65 0.97 -6.11
CA LYS A 7 0.46 2.06 -7.11
C LYS A 7 1.20 3.33 -6.71
N ASN A 8 1.12 3.71 -5.47
CA ASN A 8 1.79 4.96 -5.03
C ASN A 8 3.14 4.70 -4.40
N GLY A 9 3.55 3.47 -4.26
CA GLY A 9 4.87 3.18 -3.64
C GLY A 9 5.06 3.98 -2.35
N LYS A 10 5.96 4.94 -2.40
CA LYS A 10 6.22 5.79 -1.19
C LYS A 10 4.93 6.46 -0.71
N ARG A 11 4.02 6.70 -1.59
CA ARG A 11 2.74 7.35 -1.19
C ARG A 11 1.73 6.28 -0.76
N GLY A 12 1.95 5.07 -1.16
CA GLY A 12 1.03 3.96 -0.80
C GLY A 12 1.56 3.21 0.41
N CYS A 13 2.85 3.20 0.64
CA CYS A 13 3.41 2.47 1.83
C CYS A 13 2.89 3.09 3.13
N GLY A 14 2.22 2.31 3.95
CA GLY A 14 1.68 2.84 5.24
C GLY A 14 0.88 1.73 5.94
N ARG A 15 0.34 2.01 7.10
CA ARG A 15 -0.46 0.97 7.83
C ARG A 15 -1.54 0.39 6.91
N TRP A 16 -2.32 1.24 6.30
CA TRP A 16 -3.40 0.75 5.37
C TRP A 16 -2.82 -0.25 4.38
N CYS A 17 -1.75 0.14 3.73
CA CYS A 17 -1.10 -0.79 2.77
C CYS A 17 -0.61 -2.03 3.51
N ARG A 18 0.09 -1.84 4.58
CA ARG A 18 0.60 -3.01 5.38
C ARG A 18 -0.51 -4.03 5.64
N ASP A 19 -1.71 -3.58 5.91
CA ASP A 19 -2.83 -4.55 6.19
C ASP A 19 -3.62 -4.88 4.92
N HIS A 20 -3.90 -3.89 4.10
CA HIS A 20 -4.71 -4.15 2.86
C HIS A 20 -3.81 -4.50 1.66
N SER A 21 -2.76 -3.76 1.46
CA SER A 21 -1.85 -4.01 0.30
C SER A 21 -0.91 -5.19 0.57
N ARG A 22 -0.33 -5.72 -0.48
CA ARG A 22 0.63 -6.85 -0.31
C ARG A 22 2.06 -6.31 -0.26
N CYS A 23 2.40 -5.39 -1.12
CA CYS A 23 3.79 -4.82 -1.09
C CYS A 23 3.92 -3.89 0.13
N CYS A 24 5.12 -3.59 0.55
CA CYS A 24 5.33 -2.70 1.74
C CYS A 24 4.78 -3.36 3.02
N NH2 A 25 4.58 -4.66 3.03
HN1 NH2 A 25 4.21 -5.07 3.84
HN2 NH2 A 25 4.78 -5.20 2.25
N VAL A 1 -9.90 -4.06 -1.88
CA VAL A 1 -8.95 -2.96 -2.28
C VAL A 1 -7.50 -3.44 -2.11
N DAL A 2 -6.53 -2.59 -2.38
CA DAL A 2 -5.11 -3.02 -2.21
CB DAL A 2 -4.79 -2.75 -0.74
C DAL A 2 -4.17 -2.23 -3.14
O DAL A 2 -3.02 -1.96 -2.82
H DAL A 2 -6.75 -1.69 -2.68
HA DAL A 2 -5.03 -4.07 -2.40
HB1 DAL A 2 -4.17 -1.88 -0.66
HB2 DAL A 2 -4.27 -3.60 -0.33
HB3 DAL A 2 -5.71 -2.59 -0.20
N GLU A 3 -4.65 -1.91 -4.32
CA GLU A 3 -3.82 -1.20 -5.35
C GLU A 3 -3.17 0.11 -4.87
N ARG A 4 -3.85 0.89 -4.06
CA ARG A 4 -3.29 2.21 -3.61
C ARG A 4 -1.81 2.11 -3.23
N CYS A 5 -1.44 1.16 -2.42
CA CYS A 5 -0.01 1.04 -1.99
C CYS A 5 0.95 0.93 -3.18
N CYS A 6 0.87 -0.14 -3.93
CA CYS A 6 1.81 -0.31 -5.09
C CYS A 6 1.62 0.85 -6.08
N LYS A 7 0.41 1.35 -6.21
CA LYS A 7 0.18 2.50 -7.14
C LYS A 7 0.85 3.78 -6.61
N ASN A 8 0.95 3.91 -5.32
CA ASN A 8 1.54 5.15 -4.72
C ASN A 8 3.06 5.05 -4.51
N GLY A 9 3.63 3.90 -4.70
CA GLY A 9 5.10 3.75 -4.51
C GLY A 9 5.45 4.04 -3.06
N LYS A 10 6.13 5.13 -2.80
CA LYS A 10 6.51 5.47 -1.40
C LYS A 10 5.26 5.90 -0.62
N ARG A 11 4.24 6.34 -1.29
CA ARG A 11 2.98 6.73 -0.56
C ARG A 11 2.21 5.47 -0.18
N GLY A 12 2.57 4.35 -0.76
CA GLY A 12 1.86 3.09 -0.44
C GLY A 12 2.27 2.62 0.95
N CYS A 13 3.54 2.41 1.19
CA CYS A 13 4.00 1.95 2.53
C CYS A 13 3.32 2.78 3.63
N GLY A 14 2.37 2.18 4.31
CA GLY A 14 1.65 2.91 5.39
C GLY A 14 0.66 1.96 6.07
N ARG A 15 0.09 2.37 7.17
CA ARG A 15 -0.88 1.50 7.91
C ARG A 15 -1.91 0.82 6.97
N TRP A 16 -2.43 1.54 6.00
CA TRP A 16 -3.42 0.91 5.07
C TRP A 16 -2.71 -0.14 4.21
N CYS A 17 -1.65 0.22 3.56
CA CYS A 17 -0.92 -0.77 2.72
C CYS A 17 -0.47 -1.93 3.60
N ARG A 18 0.08 -1.62 4.75
CA ARG A 18 0.54 -2.69 5.69
C ARG A 18 -0.58 -3.71 5.96
N ASP A 19 -1.80 -3.25 6.06
CA ASP A 19 -2.93 -4.20 6.35
C ASP A 19 -3.66 -4.64 5.07
N HIS A 20 -3.94 -3.74 4.17
CA HIS A 20 -4.69 -4.13 2.93
C HIS A 20 -3.77 -4.50 1.77
N SER A 21 -2.79 -3.68 1.49
CA SER A 21 -1.90 -3.96 0.32
C SER A 21 -0.89 -5.06 0.60
N ARG A 22 -0.37 -5.64 -0.46
CA ARG A 22 0.67 -6.69 -0.32
C ARG A 22 2.04 -6.01 -0.37
N CYS A 23 2.15 -4.94 -1.14
CA CYS A 23 3.45 -4.19 -1.22
C CYS A 23 3.84 -3.71 0.18
N CYS A 24 5.08 -3.39 0.39
CA CYS A 24 5.55 -2.92 1.74
C CYS A 24 5.57 -4.07 2.76
N NH2 A 25 4.52 -4.85 2.87
HN1 NH2 A 25 4.54 -5.59 3.53
HN2 NH2 A 25 3.73 -4.71 2.33
N VAL A 1 -9.99 -3.42 -2.11
CA VAL A 1 -8.97 -2.35 -2.27
C VAL A 1 -7.57 -2.94 -2.06
N DAL A 2 -6.55 -2.13 -2.20
CA DAL A 2 -5.16 -2.66 -2.00
CB DAL A 2 -4.88 -2.43 -0.52
C DAL A 2 -4.15 -1.90 -2.88
O DAL A 2 -3.04 -1.60 -2.47
H DAL A 2 -6.69 -1.20 -2.44
HA DAL A 2 -5.13 -3.71 -2.21
HB1 DAL A 2 -4.48 -3.34 -0.09
HB2 DAL A 2 -5.78 -2.16 -0.01
HB3 DAL A 2 -4.15 -1.65 -0.40
N GLU A 3 -4.53 -1.64 -4.09
CA GLU A 3 -3.66 -0.94 -5.09
C GLU A 3 -2.76 0.17 -4.52
N ARG A 4 -3.26 0.99 -3.64
CA ARG A 4 -2.45 2.16 -3.12
C ARG A 4 -0.98 1.82 -2.86
N CYS A 5 -0.69 0.81 -2.08
CA CYS A 5 0.76 0.51 -1.79
C CYS A 5 1.57 0.29 -3.07
N CYS A 6 1.20 -0.66 -3.88
CA CYS A 6 1.98 -0.91 -5.13
C CYS A 6 1.69 0.17 -6.19
N LYS A 7 0.71 1.03 -5.97
CA LYS A 7 0.41 2.09 -6.97
C LYS A 7 1.08 3.41 -6.59
N ASN A 8 0.91 3.82 -5.37
CA ASN A 8 1.50 5.13 -4.93
C ASN A 8 2.96 4.99 -4.48
N GLY A 9 3.50 3.82 -4.49
CA GLY A 9 4.94 3.65 -4.08
C GLY A 9 5.15 4.23 -2.69
N LYS A 10 5.90 5.30 -2.60
CA LYS A 10 6.16 5.93 -1.27
C LYS A 10 4.85 6.40 -0.64
N ARG A 11 3.89 6.72 -1.43
CA ARG A 11 2.57 7.17 -0.87
C ARG A 11 1.71 5.94 -0.57
N GLY A 12 2.02 4.84 -1.20
CA GLY A 12 1.24 3.60 -0.99
C GLY A 12 1.64 2.97 0.35
N CYS A 13 2.92 2.85 0.60
CA CYS A 13 3.39 2.25 1.89
C CYS A 13 2.71 2.94 3.07
N GLY A 14 2.36 2.19 4.08
CA GLY A 14 1.68 2.79 5.26
C GLY A 14 0.86 1.70 5.96
N ARG A 15 0.30 2.02 7.11
CA ARG A 15 -0.50 0.99 7.84
C ARG A 15 -1.63 0.45 6.95
N TRP A 16 -2.22 1.27 6.12
CA TRP A 16 -3.30 0.78 5.22
C TRP A 16 -2.69 -0.22 4.24
N CYS A 17 -1.61 0.15 3.62
CA CYS A 17 -0.95 -0.78 2.66
C CYS A 17 -0.48 -2.01 3.44
N ARG A 18 0.15 -1.78 4.55
CA ARG A 18 0.64 -2.92 5.38
C ARG A 18 -0.47 -3.94 5.65
N ASP A 19 -1.66 -3.47 5.92
CA ASP A 19 -2.78 -4.42 6.22
C ASP A 19 -3.61 -4.74 4.97
N HIS A 20 -3.92 -3.76 4.17
CA HIS A 20 -4.75 -4.03 2.95
C HIS A 20 -3.89 -4.38 1.74
N SER A 21 -2.92 -3.57 1.43
CA SER A 21 -2.05 -3.83 0.23
C SER A 21 -1.16 -5.06 0.45
N ARG A 22 -0.59 -5.56 -0.61
CA ARG A 22 0.32 -6.74 -0.49
C ARG A 22 1.78 -6.30 -0.75
N CYS A 23 2.07 -5.04 -0.54
CA CYS A 23 3.46 -4.53 -0.75
C CYS A 23 3.92 -3.82 0.53
N CYS A 24 5.19 -3.52 0.66
CA CYS A 24 5.70 -2.82 1.88
C CYS A 24 5.33 -3.63 3.14
N NH2 A 25 5.67 -4.89 3.23
HN1 NH2 A 25 5.45 -5.41 4.03
HN2 NH2 A 25 6.17 -5.31 2.48
N VAL A 1 -9.48 -3.40 -3.71
CA VAL A 1 -8.79 -2.60 -2.66
C VAL A 1 -7.38 -3.16 -2.43
N DAL A 2 -6.43 -2.31 -2.18
CA DAL A 2 -5.03 -2.79 -1.96
CB DAL A 2 -4.72 -2.40 -0.51
C DAL A 2 -4.06 -2.10 -2.94
O DAL A 2 -2.86 -2.06 -2.72
H DAL A 2 -6.64 -1.35 -2.14
HA DAL A 2 -4.98 -3.86 -2.07
HB1 DAL A 2 -4.09 -1.54 -0.49
HB2 DAL A 2 -4.22 -3.23 -0.03
HB3 DAL A 2 -5.64 -2.19 0.02
N GLU A 3 -4.57 -1.60 -4.03
CA GLU A 3 -3.71 -0.95 -5.08
C GLU A 3 -2.88 0.23 -4.58
N ARG A 4 -3.40 1.02 -3.68
CA ARG A 4 -2.66 2.25 -3.20
C ARG A 4 -1.18 1.98 -2.96
N CYS A 5 -0.84 1.06 -2.10
CA CYS A 5 0.61 0.79 -1.82
C CYS A 5 1.38 0.45 -3.09
N CYS A 6 0.92 -0.48 -3.87
CA CYS A 6 1.67 -0.86 -5.11
C CYS A 6 1.55 0.27 -6.16
N LYS A 7 0.52 1.07 -6.09
CA LYS A 7 0.36 2.17 -7.08
C LYS A 7 1.13 3.41 -6.64
N ASN A 8 0.95 3.82 -5.42
CA ASN A 8 1.64 5.04 -4.92
C ASN A 8 3.04 4.74 -4.40
N GLY A 9 3.39 3.50 -4.27
CA GLY A 9 4.76 3.15 -3.78
C GLY A 9 5.06 3.87 -2.46
N LYS A 10 5.92 4.86 -2.50
CA LYS A 10 6.26 5.62 -1.26
C LYS A 10 5.02 6.28 -0.68
N ARG A 11 4.06 6.60 -1.50
CA ARG A 11 2.82 7.26 -0.98
C ARG A 11 1.81 6.23 -0.49
N GLY A 12 2.01 4.99 -0.82
CA GLY A 12 1.05 3.92 -0.41
C GLY A 12 1.65 3.03 0.70
N CYS A 13 2.95 3.02 0.87
CA CYS A 13 3.55 2.15 1.95
C CYS A 13 3.21 2.68 3.34
N GLY A 14 1.95 2.70 3.69
CA GLY A 14 1.53 3.19 5.04
C GLY A 14 0.85 2.04 5.80
N ARG A 15 0.41 2.27 7.01
CA ARG A 15 -0.24 1.18 7.81
C ARG A 15 -1.40 0.55 7.04
N TRP A 16 -2.23 1.36 6.40
CA TRP A 16 -3.36 0.77 5.60
C TRP A 16 -2.79 -0.22 4.60
N CYS A 17 -1.83 0.20 3.84
CA CYS A 17 -1.20 -0.72 2.86
C CYS A 17 -0.58 -1.90 3.61
N ARG A 18 0.20 -1.61 4.62
CA ARG A 18 0.86 -2.68 5.43
C ARG A 18 -0.16 -3.77 5.79
N ASP A 19 -1.37 -3.38 6.09
CA ASP A 19 -2.42 -4.39 6.45
C ASP A 19 -3.21 -4.82 5.20
N HIS A 20 -3.57 -3.89 4.36
CA HIS A 20 -4.38 -4.23 3.14
C HIS A 20 -3.48 -4.59 1.95
N SER A 21 -2.73 -3.63 1.48
CA SER A 21 -1.85 -3.85 0.28
C SER A 21 -0.87 -5.01 0.47
N ARG A 22 -0.57 -5.71 -0.59
CA ARG A 22 0.41 -6.83 -0.52
C ARG A 22 1.82 -6.19 -0.49
N CYS A 23 2.04 -5.22 -1.36
CA CYS A 23 3.36 -4.53 -1.39
C CYS A 23 3.52 -3.77 -0.07
N CYS A 24 4.70 -3.81 0.52
CA CYS A 24 4.92 -3.09 1.83
C CYS A 24 4.03 -3.69 2.94
N NH2 A 25 3.40 -4.80 2.75
HN1 NH2 A 25 2.83 -5.17 3.45
HN2 NH2 A 25 3.49 -5.29 1.90
N VAL A 1 -9.08 -4.19 -3.26
CA VAL A 1 -8.46 -3.17 -2.35
C VAL A 1 -6.93 -3.34 -2.37
N DAL A 2 -6.19 -2.39 -1.83
CA DAL A 2 -4.71 -2.53 -1.81
CB DAL A 2 -4.28 -2.12 -0.39
C DAL A 2 -4.04 -1.61 -2.84
O DAL A 2 -2.91 -1.19 -2.67
H DAL A 2 -6.63 -1.60 -1.44
HA DAL A 2 -4.43 -3.54 -1.99
HB1 DAL A 2 -5.15 -1.87 0.18
HB2 DAL A 2 -3.63 -1.27 -0.45
HB3 DAL A 2 -3.78 -2.94 0.07
N GLU A 3 -4.74 -1.30 -3.91
CA GLU A 3 -4.18 -0.42 -4.99
C GLU A 3 -3.26 0.70 -4.46
N ARG A 4 -3.79 1.59 -3.65
CA ARG A 4 -2.98 2.74 -3.12
C ARG A 4 -1.56 2.33 -2.71
N CYS A 5 -1.40 1.17 -2.14
CA CYS A 5 -0.04 0.74 -1.70
C CYS A 5 0.93 0.61 -2.88
N CYS A 6 0.91 -0.50 -3.58
CA CYS A 6 1.85 -0.68 -4.74
C CYS A 6 1.69 0.43 -5.78
N LYS A 7 0.56 1.09 -5.83
CA LYS A 7 0.38 2.17 -6.85
C LYS A 7 1.16 3.43 -6.47
N ASN A 8 0.95 3.91 -5.28
CA ASN A 8 1.64 5.17 -4.84
C ASN A 8 3.09 4.93 -4.45
N GLY A 9 3.48 3.70 -4.29
CA GLY A 9 4.89 3.41 -3.91
C GLY A 9 5.20 4.09 -2.57
N LYS A 10 6.05 5.09 -2.58
CA LYS A 10 6.39 5.82 -1.32
C LYS A 10 5.14 6.39 -0.68
N ARG A 11 4.16 6.71 -1.48
CA ARG A 11 2.89 7.26 -0.92
C ARG A 11 1.93 6.13 -0.53
N GLY A 12 2.22 4.94 -0.95
CA GLY A 12 1.34 3.77 -0.63
C GLY A 12 1.98 2.90 0.46
N CYS A 13 3.22 3.14 0.81
CA CYS A 13 3.87 2.30 1.87
C CYS A 13 3.41 2.72 3.28
N GLY A 14 2.12 2.82 3.50
CA GLY A 14 1.61 3.22 4.84
C GLY A 14 0.94 2.03 5.53
N ARG A 15 0.50 2.21 6.75
CA ARG A 15 -0.15 1.08 7.51
C ARG A 15 -1.34 0.53 6.72
N TRP A 16 -2.10 1.37 6.07
CA TRP A 16 -3.27 0.84 5.28
C TRP A 16 -2.75 -0.22 4.30
N CYS A 17 -1.75 0.12 3.54
CA CYS A 17 -1.16 -0.87 2.59
C CYS A 17 -0.69 -2.07 3.39
N ARG A 18 0.02 -1.84 4.45
CA ARG A 18 0.52 -2.96 5.31
C ARG A 18 -0.63 -3.92 5.65
N ASP A 19 -1.81 -3.42 5.90
CA ASP A 19 -2.96 -4.31 6.25
C ASP A 19 -3.84 -4.65 5.04
N HIS A 20 -3.98 -3.75 4.10
CA HIS A 20 -4.86 -4.03 2.92
C HIS A 20 -4.07 -4.43 1.67
N SER A 21 -2.78 -4.23 1.65
CA SER A 21 -1.99 -4.60 0.44
C SER A 21 -0.99 -5.71 0.75
N ARG A 22 -0.45 -6.31 -0.27
CA ARG A 22 0.54 -7.41 -0.08
C ARG A 22 1.98 -6.87 -0.17
N CYS A 23 2.17 -5.74 -0.80
CA CYS A 23 3.55 -5.17 -0.89
C CYS A 23 3.74 -4.07 0.15
N CYS A 24 4.94 -3.54 0.28
CA CYS A 24 5.22 -2.47 1.29
C CYS A 24 4.89 -2.96 2.71
N NH2 A 25 5.04 -4.22 3.01
HN1 NH2 A 25 4.83 -4.53 3.91
HN2 NH2 A 25 5.36 -4.85 2.33
N VAL A 1 -9.27 -4.84 -1.59
CA VAL A 1 -8.67 -3.56 -2.07
C VAL A 1 -7.14 -3.69 -2.12
N DAL A 2 -6.43 -2.59 -2.15
CA DAL A 2 -4.93 -2.66 -2.20
CB DAL A 2 -4.49 -2.31 -0.78
C DAL A 2 -4.38 -1.64 -3.22
O DAL A 2 -3.30 -1.09 -3.05
H DAL A 2 -6.88 -1.71 -2.14
HA DAL A 2 -4.61 -3.65 -2.44
HB1 DAL A 2 -5.35 -2.21 -0.15
HB2 DAL A 2 -3.93 -1.38 -0.80
HB3 DAL A 2 -3.85 -3.10 -0.40
N GLU A 3 -5.13 -1.43 -4.27
CA GLU A 3 -4.76 -0.49 -5.39
C GLU A 3 -4.01 0.79 -4.98
N ARG A 4 -4.11 1.25 -3.77
CA ARG A 4 -3.42 2.54 -3.42
C ARG A 4 -1.95 2.36 -3.01
N CYS A 5 -1.55 1.22 -2.52
CA CYS A 5 -0.13 1.09 -2.06
C CYS A 5 0.85 0.90 -3.22
N CYS A 6 0.88 -0.26 -3.80
CA CYS A 6 1.86 -0.53 -4.90
C CYS A 6 1.86 0.60 -5.95
N LYS A 7 0.73 1.21 -6.22
CA LYS A 7 0.70 2.32 -7.22
C LYS A 7 1.38 3.57 -6.66
N ASN A 8 1.12 3.87 -5.41
CA ASN A 8 1.72 5.10 -4.79
C ASN A 8 3.22 4.94 -4.51
N GLY A 9 3.70 3.73 -4.48
CA GLY A 9 5.15 3.51 -4.21
C GLY A 9 5.52 4.12 -2.86
N LYS A 10 6.24 5.22 -2.86
CA LYS A 10 6.62 5.87 -1.56
C LYS A 10 5.37 6.29 -0.80
N ARG A 11 4.27 6.49 -1.47
CA ARG A 11 3.01 6.88 -0.76
C ARG A 11 2.23 5.62 -0.38
N GLY A 12 2.60 4.49 -0.91
CA GLY A 12 1.86 3.23 -0.60
C GLY A 12 2.23 2.74 0.80
N CYS A 13 3.51 2.58 1.09
CA CYS A 13 3.92 2.09 2.45
C CYS A 13 3.19 2.88 3.55
N GLY A 14 2.32 2.23 4.27
CA GLY A 14 1.56 2.92 5.35
C GLY A 14 0.68 1.90 6.07
N ARG A 15 0.13 2.27 7.21
CA ARG A 15 -0.73 1.32 7.98
C ARG A 15 -1.76 0.66 7.06
N TRP A 16 -2.44 1.46 6.27
CA TRP A 16 -3.48 0.89 5.34
C TRP A 16 -2.82 -0.13 4.41
N CYS A 17 -1.81 0.27 3.66
CA CYS A 17 -1.12 -0.70 2.75
C CYS A 17 -0.63 -1.90 3.54
N ARG A 18 0.01 -1.66 4.65
CA ARG A 18 0.51 -2.79 5.49
C ARG A 18 -0.60 -3.81 5.76
N ASP A 19 -1.82 -3.36 5.94
CA ASP A 19 -2.94 -4.30 6.23
C ASP A 19 -3.72 -4.68 4.97
N HIS A 20 -3.93 -3.76 4.07
CA HIS A 20 -4.73 -4.04 2.83
C HIS A 20 -3.83 -4.39 1.62
N SER A 21 -2.67 -3.80 1.54
CA SER A 21 -1.79 -4.06 0.36
C SER A 21 -0.84 -5.23 0.61
N ARG A 22 -0.36 -5.82 -0.45
CA ARG A 22 0.60 -6.95 -0.33
C ARG A 22 2.03 -6.41 -0.29
N CYS A 23 2.34 -5.47 -1.15
CA CYS A 23 3.73 -4.89 -1.13
C CYS A 23 3.91 -4.00 0.12
N CYS A 24 5.10 -3.50 0.35
CA CYS A 24 5.35 -2.65 1.55
C CYS A 24 5.06 -3.45 2.83
N NH2 A 25 5.31 -4.73 2.86
HN1 NH2 A 25 5.13 -5.25 3.68
HN2 NH2 A 25 5.67 -5.18 2.07
N VAL A 1 -9.62 -2.50 -4.20
CA VAL A 1 -8.88 -2.08 -2.96
C VAL A 1 -7.44 -2.61 -3.04
N DAL A 2 -6.68 -2.48 -1.98
CA DAL A 2 -5.28 -2.99 -1.99
CB DAL A 2 -4.84 -2.96 -0.53
C DAL A 2 -4.35 -2.10 -2.87
O DAL A 2 -3.38 -1.54 -2.40
H DAL A 2 -7.05 -2.06 -1.18
HA DAL A 2 -5.25 -4.00 -2.34
HB1 DAL A 2 -4.34 -2.02 -0.31
HB2 DAL A 2 -4.17 -3.78 -0.33
HB3 DAL A 2 -5.70 -3.05 0.10
N GLU A 3 -4.67 -2.03 -4.12
CA GLU A 3 -3.87 -1.25 -5.14
C GLU A 3 -3.24 0.06 -4.62
N ARG A 4 -3.93 0.79 -3.80
CA ARG A 4 -3.39 2.11 -3.31
C ARG A 4 -1.92 2.03 -2.93
N CYS A 5 -1.50 1.02 -2.24
CA CYS A 5 -0.06 0.92 -1.84
C CYS A 5 0.86 0.78 -3.07
N CYS A 6 0.77 -0.31 -3.78
CA CYS A 6 1.65 -0.50 -4.97
C CYS A 6 1.48 0.66 -5.97
N LYS A 7 0.29 1.16 -6.13
CA LYS A 7 0.08 2.31 -7.08
C LYS A 7 0.81 3.56 -6.56
N ASN A 8 0.78 3.76 -5.28
CA ASN A 8 1.44 4.96 -4.69
C ASN A 8 2.95 4.79 -4.55
N GLY A 9 3.43 3.58 -4.66
CA GLY A 9 4.91 3.35 -4.54
C GLY A 9 5.40 3.93 -3.22
N LYS A 10 6.19 4.98 -3.28
CA LYS A 10 6.70 5.61 -2.02
C LYS A 10 5.54 6.03 -1.11
N ARG A 11 4.41 6.32 -1.69
CA ARG A 11 3.21 6.74 -0.89
C ARG A 11 2.43 5.52 -0.41
N GLY A 12 2.72 4.36 -0.94
CA GLY A 12 1.99 3.13 -0.55
C GLY A 12 2.29 2.72 0.90
N CYS A 13 3.54 2.74 1.30
CA CYS A 13 3.88 2.32 2.70
C CYS A 13 3.02 3.07 3.72
N GLY A 14 2.22 2.33 4.44
CA GLY A 14 1.33 2.94 5.47
C GLY A 14 0.55 1.82 6.16
N ARG A 15 -0.06 2.11 7.29
CA ARG A 15 -0.83 1.06 8.02
C ARG A 15 -1.88 0.42 7.10
N TRP A 16 -2.56 1.21 6.30
CA TRP A 16 -3.57 0.62 5.37
C TRP A 16 -2.88 -0.36 4.43
N CYS A 17 -1.84 0.08 3.77
CA CYS A 17 -1.10 -0.84 2.85
C CYS A 17 -0.58 -2.03 3.65
N ARG A 18 0.06 -1.76 4.75
CA ARG A 18 0.62 -2.85 5.60
C ARG A 18 -0.46 -3.90 5.93
N ASP A 19 -1.69 -3.48 6.09
CA ASP A 19 -2.78 -4.46 6.41
C ASP A 19 -3.53 -4.90 5.15
N HIS A 20 -3.91 -3.97 4.32
CA HIS A 20 -4.67 -4.31 3.07
C HIS A 20 -3.73 -4.65 1.93
N SER A 21 -2.84 -3.77 1.61
CA SER A 21 -1.89 -4.00 0.48
C SER A 21 -0.84 -5.05 0.82
N ARG A 22 -0.22 -5.62 -0.18
CA ARG A 22 0.85 -6.62 0.08
C ARG A 22 2.21 -6.01 -0.23
N CYS A 23 2.26 -4.80 -0.75
CA CYS A 23 3.56 -4.15 -1.06
C CYS A 23 4.09 -3.48 0.22
N CYS A 24 5.22 -2.80 0.14
CA CYS A 24 5.81 -2.12 1.34
C CYS A 24 6.36 -3.16 2.33
N NH2 A 25 7.54 -2.96 2.85
HN1 NH2 A 25 7.91 -3.62 3.48
HN2 NH2 A 25 8.07 -2.17 2.61
N VAL A 1 -10.20 -2.30 -3.54
CA VAL A 1 -9.27 -2.16 -2.38
C VAL A 1 -7.89 -2.72 -2.76
N DAL A 2 -6.94 -2.71 -1.85
CA DAL A 2 -5.57 -3.23 -2.16
CB DAL A 2 -4.67 -2.77 -1.01
C DAL A 2 -5.08 -2.67 -3.50
O DAL A 2 -4.56 -3.39 -4.34
H DAL A 2 -7.13 -2.35 -0.96
HA DAL A 2 -5.59 -4.32 -2.21
HB1 DAL A 2 -4.19 -1.85 -1.28
HB2 DAL A 2 -3.93 -3.53 -0.80
HB3 DAL A 2 -5.28 -2.62 -0.12
N GLU A 3 -5.27 -1.39 -3.72
CA GLU A 3 -4.84 -0.77 -5.01
C GLU A 3 -4.03 0.53 -4.80
N ARG A 4 -3.98 1.05 -3.61
CA ARG A 4 -3.24 2.33 -3.38
C ARG A 4 -1.74 2.11 -3.12
N CYS A 5 -1.41 1.12 -2.33
CA CYS A 5 0.02 0.87 -1.94
C CYS A 5 1.00 0.74 -3.14
N CYS A 6 1.15 -0.44 -3.69
CA CYS A 6 2.12 -0.66 -4.82
C CYS A 6 2.01 0.41 -5.91
N LYS A 7 0.89 1.07 -6.04
CA LYS A 7 0.74 2.13 -7.09
C LYS A 7 1.36 3.45 -6.62
N ASN A 8 1.21 3.78 -5.37
CA ASN A 8 1.75 5.07 -4.87
C ASN A 8 3.23 5.01 -4.51
N GLY A 9 3.81 3.85 -4.46
CA GLY A 9 5.25 3.76 -4.11
C GLY A 9 5.45 4.22 -2.67
N LYS A 10 6.17 5.29 -2.48
CA LYS A 10 6.38 5.80 -1.09
C LYS A 10 5.05 6.22 -0.48
N ARG A 11 4.12 6.65 -1.30
CA ARG A 11 2.78 7.04 -0.77
C ARG A 11 1.95 5.78 -0.49
N GLY A 12 2.37 4.67 -1.03
CA GLY A 12 1.63 3.40 -0.81
C GLY A 12 2.15 2.73 0.47
N CYS A 13 3.36 3.03 0.88
CA CYS A 13 3.91 2.40 2.12
C CYS A 13 3.26 3.01 3.36
N GLY A 14 2.00 2.75 3.56
CA GLY A 14 1.28 3.30 4.75
C GLY A 14 0.68 2.15 5.55
N ARG A 15 0.32 2.40 6.80
CA ARG A 15 -0.29 1.32 7.65
C ARG A 15 -1.41 0.60 6.90
N TRP A 16 -2.20 1.32 6.14
CA TRP A 16 -3.30 0.67 5.36
C TRP A 16 -2.68 -0.39 4.44
N CYS A 17 -1.71 -0.01 3.66
CA CYS A 17 -1.06 -0.98 2.74
C CYS A 17 -0.49 -2.14 3.55
N ARG A 18 0.21 -1.85 4.61
CA ARG A 18 0.79 -2.94 5.45
C ARG A 18 -0.28 -3.99 5.79
N ASP A 19 -1.49 -3.56 6.02
CA ASP A 19 -2.56 -4.53 6.38
C ASP A 19 -3.38 -4.96 5.14
N HIS A 20 -3.77 -4.03 4.31
CA HIS A 20 -4.61 -4.38 3.11
C HIS A 20 -3.77 -4.71 1.87
N SER A 21 -2.61 -4.15 1.74
CA SER A 21 -1.78 -4.41 0.52
C SER A 21 -0.79 -5.56 0.73
N ARG A 22 -0.15 -6.00 -0.34
CA ARG A 22 0.84 -7.11 -0.24
C ARG A 22 2.26 -6.55 -0.15
N CYS A 23 2.54 -5.50 -0.87
CA CYS A 23 3.91 -4.89 -0.82
C CYS A 23 3.96 -3.83 0.29
N CYS A 24 5.13 -3.38 0.65
CA CYS A 24 5.27 -2.35 1.73
C CYS A 24 4.66 -2.86 3.06
N NH2 A 25 4.54 -4.15 3.26
HN1 NH2 A 25 4.16 -4.48 4.10
HN2 NH2 A 25 4.81 -4.78 2.56
N VAL A 1 -9.33 -4.78 -1.64
CA VAL A 1 -8.60 -3.54 -2.09
C VAL A 1 -7.09 -3.72 -1.92
N DAL A 2 -6.31 -2.72 -2.24
CA DAL A 2 -4.83 -2.87 -2.07
CB DAL A 2 -4.59 -2.56 -0.60
C DAL A 2 -4.04 -1.90 -2.98
O DAL A 2 -2.94 -1.47 -2.65
H DAL A 2 -6.69 -1.89 -2.59
HA DAL A 2 -4.54 -3.87 -2.27
HB1 DAL A 2 -4.08 -3.39 -0.14
HB2 DAL A 2 -5.53 -2.39 -0.10
HB3 DAL A 2 -3.97 -1.67 -0.51
N GLU A 3 -4.60 -1.59 -4.12
CA GLU A 3 -3.94 -0.68 -5.14
C GLU A 3 -3.01 0.40 -4.55
N ARG A 4 -3.51 1.22 -3.66
CA ARG A 4 -2.70 2.36 -3.10
C ARG A 4 -1.23 2.01 -2.83
N CYS A 5 -0.97 1.03 -2.01
CA CYS A 5 0.47 0.71 -1.70
C CYS A 5 1.32 0.56 -2.96
N CYS A 6 0.89 -0.23 -3.91
CA CYS A 6 1.69 -0.40 -5.15
C CYS A 6 1.48 0.79 -6.11
N LYS A 7 0.34 1.43 -6.05
CA LYS A 7 0.07 2.61 -6.94
C LYS A 7 0.80 3.86 -6.43
N ASN A 8 0.80 4.08 -5.14
CA ASN A 8 1.45 5.31 -4.59
C ASN A 8 2.96 5.17 -4.46
N GLY A 9 3.50 4.02 -4.71
CA GLY A 9 4.98 3.85 -4.59
C GLY A 9 5.42 4.24 -3.18
N LYS A 10 6.18 5.30 -3.06
CA LYS A 10 6.65 5.75 -1.71
C LYS A 10 5.46 6.12 -0.82
N ARG A 11 4.38 6.55 -1.42
CA ARG A 11 3.17 6.90 -0.60
C ARG A 11 2.37 5.65 -0.28
N GLY A 12 2.62 4.59 -1.00
CA GLY A 12 1.88 3.32 -0.78
C GLY A 12 2.21 2.75 0.59
N CYS A 13 3.47 2.62 0.92
CA CYS A 13 3.84 2.03 2.24
C CYS A 13 3.19 2.84 3.36
N GLY A 14 2.28 2.22 4.08
CA GLY A 14 1.58 2.93 5.19
C GLY A 14 0.63 1.95 5.89
N ARG A 15 0.05 2.34 6.99
CA ARG A 15 -0.88 1.43 7.74
C ARG A 15 -1.92 0.78 6.83
N TRP A 16 -2.56 1.53 5.97
CA TRP A 16 -3.58 0.92 5.07
C TRP A 16 -2.90 -0.14 4.20
N CYS A 17 -1.85 0.24 3.51
CA CYS A 17 -1.13 -0.74 2.65
C CYS A 17 -0.65 -1.92 3.52
N ARG A 18 -0.04 -1.62 4.62
CA ARG A 18 0.45 -2.68 5.55
C ARG A 18 -0.64 -3.72 5.83
N ASP A 19 -1.87 -3.29 6.00
CA ASP A 19 -2.98 -4.25 6.32
C ASP A 19 -3.73 -4.68 5.05
N HIS A 20 -3.98 -3.78 4.14
CA HIS A 20 -4.76 -4.15 2.92
C HIS A 20 -3.84 -4.51 1.74
N SER A 21 -2.78 -3.78 1.54
CA SER A 21 -1.89 -4.04 0.37
C SER A 21 -0.91 -5.19 0.58
N ARG A 22 -0.48 -5.78 -0.50
CA ARG A 22 0.52 -6.88 -0.42
C ARG A 22 1.93 -6.24 -0.48
N CYS A 23 2.08 -5.18 -1.22
CA CYS A 23 3.42 -4.51 -1.27
C CYS A 23 3.67 -3.89 0.11
N CYS A 24 4.91 -3.80 0.54
CA CYS A 24 5.20 -3.23 1.89
C CYS A 24 4.46 -4.02 2.98
N NH2 A 25 4.27 -5.30 2.82
HN1 NH2 A 25 3.80 -5.82 3.50
HN2 NH2 A 25 4.61 -5.75 2.01
N VAL A 1 -10.04 -2.35 -3.00
CA VAL A 1 -8.96 -1.34 -3.23
C VAL A 1 -7.60 -2.05 -3.39
N DAL A 2 -6.80 -2.11 -2.34
CA DAL A 2 -5.48 -2.81 -2.44
CB DAL A 2 -5.03 -3.03 -1.00
C DAL A 2 -4.42 -1.99 -3.22
O DAL A 2 -3.35 -1.72 -2.73
H DAL A 2 -7.08 -1.72 -1.48
HA DAL A 2 -5.62 -3.78 -2.91
HB1 DAL A 2 -5.89 -3.28 -0.39
HB2 DAL A 2 -4.58 -2.12 -0.61
HB3 DAL A 2 -4.31 -3.82 -0.96
N GLU A 3 -4.72 -1.66 -4.45
CA GLU A 3 -3.75 -0.93 -5.33
C GLU A 3 -3.07 0.29 -4.68
N ARG A 4 -3.78 1.06 -3.89
CA ARG A 4 -3.17 2.30 -3.27
C ARG A 4 -1.74 2.06 -2.77
N CYS A 5 -1.44 0.89 -2.27
CA CYS A 5 -0.05 0.65 -1.75
C CYS A 5 0.95 0.54 -2.91
N CYS A 6 0.88 -0.53 -3.67
CA CYS A 6 1.84 -0.70 -4.81
C CYS A 6 1.66 0.40 -5.88
N LYS A 7 0.49 1.01 -5.96
CA LYS A 7 0.29 2.09 -6.99
C LYS A 7 1.02 3.36 -6.57
N ASN A 8 0.86 3.76 -5.32
CA ASN A 8 1.50 5.03 -4.85
C ASN A 8 2.96 4.81 -4.44
N GLY A 9 3.41 3.58 -4.39
CA GLY A 9 4.83 3.31 -4.01
C GLY A 9 5.12 3.97 -2.66
N LYS A 10 5.90 5.02 -2.66
CA LYS A 10 6.24 5.72 -1.38
C LYS A 10 4.95 6.27 -0.73
N ARG A 11 3.96 6.55 -1.51
CA ARG A 11 2.67 7.07 -0.93
C ARG A 11 1.77 5.88 -0.55
N GLY A 12 2.06 4.73 -1.06
CA GLY A 12 1.24 3.52 -0.75
C GLY A 12 1.75 2.89 0.56
N CYS A 13 3.03 3.06 0.86
CA CYS A 13 3.58 2.47 2.12
C CYS A 13 2.92 3.13 3.34
N GLY A 14 2.43 2.35 4.26
CA GLY A 14 1.76 2.92 5.47
C GLY A 14 0.90 1.83 6.10
N ARG A 15 0.34 2.11 7.26
CA ARG A 15 -0.52 1.10 7.94
C ARG A 15 -1.58 0.54 6.97
N TRP A 16 -2.09 1.36 6.07
CA TRP A 16 -3.12 0.85 5.10
C TRP A 16 -2.51 -0.27 4.27
N CYS A 17 -1.42 -0.01 3.59
CA CYS A 17 -0.78 -1.08 2.78
C CYS A 17 -0.44 -2.26 3.68
N ARG A 18 0.21 -1.99 4.78
CA ARG A 18 0.57 -3.09 5.73
C ARG A 18 -0.64 -3.97 6.04
N ASP A 19 -1.83 -3.40 6.09
CA ASP A 19 -3.05 -4.21 6.41
C ASP A 19 -3.80 -4.65 5.15
N HIS A 20 -3.99 -3.74 4.22
CA HIS A 20 -4.77 -4.08 2.98
C HIS A 20 -3.87 -4.50 1.81
N SER A 21 -2.60 -4.20 1.85
CA SER A 21 -1.72 -4.56 0.70
C SER A 21 -0.68 -5.61 1.08
N ARG A 22 0.04 -6.10 0.11
CA ARG A 22 1.11 -7.12 0.38
C ARG A 22 2.48 -6.47 0.21
N CYS A 23 2.70 -5.71 -0.84
CA CYS A 23 4.04 -5.05 -1.03
C CYS A 23 4.24 -3.93 -0.01
N CYS A 24 5.34 -3.22 -0.08
CA CYS A 24 5.64 -2.12 0.89
C CYS A 24 5.93 -2.71 2.29
N NH2 A 25 6.14 -4.01 2.42
HN1 NH2 A 25 6.32 -4.38 3.30
HN2 NH2 A 25 6.10 -4.59 1.63
N VAL A 1 -10.15 -3.47 -1.44
CA VAL A 1 -9.15 -2.43 -1.85
C VAL A 1 -7.74 -3.04 -1.73
N DAL A 2 -6.74 -2.35 -2.21
CA DAL A 2 -5.35 -2.89 -2.10
CB DAL A 2 -4.87 -2.52 -0.70
C DAL A 2 -4.41 -2.31 -3.17
O DAL A 2 -3.21 -2.30 -3.02
H DAL A 2 -6.91 -1.47 -2.62
HA DAL A 2 -5.39 -3.96 -2.19
HB1 DAL A 2 -4.39 -3.37 -0.25
HB2 DAL A 2 -5.71 -2.22 -0.09
HB3 DAL A 2 -4.16 -1.71 -0.77
N GLU A 3 -4.96 -1.86 -4.28
CA GLU A 3 -4.12 -1.34 -5.40
C GLU A 3 -3.31 -0.06 -5.04
N ARG A 4 -3.83 0.81 -4.22
CA ARG A 4 -3.12 2.10 -3.91
C ARG A 4 -1.66 1.89 -3.45
N CYS A 5 -1.42 0.96 -2.56
CA CYS A 5 -0.03 0.74 -2.02
C CYS A 5 1.04 0.73 -3.12
N CYS A 6 1.24 -0.39 -3.78
CA CYS A 6 2.30 -0.46 -4.83
C CYS A 6 2.16 0.68 -5.85
N LYS A 7 0.98 1.22 -6.00
CA LYS A 7 0.79 2.36 -6.95
C LYS A 7 1.42 3.63 -6.40
N ASN A 8 1.04 4.00 -5.21
CA ASN A 8 1.57 5.25 -4.58
C ASN A 8 3.06 5.13 -4.22
N GLY A 9 3.57 3.94 -4.16
CA GLY A 9 5.02 3.77 -3.82
C GLY A 9 5.27 4.30 -2.42
N LYS A 10 5.96 5.40 -2.31
CA LYS A 10 6.24 6.00 -0.98
C LYS A 10 4.91 6.38 -0.30
N ARG A 11 3.92 6.70 -1.09
CA ARG A 11 2.59 7.04 -0.49
C ARG A 11 1.81 5.74 -0.21
N GLY A 12 2.21 4.68 -0.85
CA GLY A 12 1.53 3.39 -0.64
C GLY A 12 2.05 2.76 0.64
N CYS A 13 3.35 2.75 0.84
CA CYS A 13 3.91 2.17 2.10
C CYS A 13 3.32 2.92 3.29
N GLY A 14 2.47 2.26 4.04
CA GLY A 14 1.84 2.92 5.21
C GLY A 14 0.87 1.94 5.87
N ARG A 15 0.31 2.31 7.00
CA ARG A 15 -0.66 1.41 7.72
C ARG A 15 -1.71 0.84 6.76
N TRP A 16 -2.17 1.61 5.80
CA TRP A 16 -3.20 1.07 4.86
C TRP A 16 -2.60 -0.06 4.03
N CYS A 17 -1.57 0.21 3.26
CA CYS A 17 -0.95 -0.88 2.45
C CYS A 17 -0.50 -2.02 3.36
N ARG A 18 0.17 -1.69 4.43
CA ARG A 18 0.64 -2.74 5.40
C ARG A 18 -0.51 -3.69 5.76
N ASP A 19 -1.69 -3.18 5.92
CA ASP A 19 -2.86 -4.05 6.30
C ASP A 19 -3.70 -4.50 5.09
N HIS A 20 -3.92 -3.63 4.14
CA HIS A 20 -4.77 -3.99 2.96
C HIS A 20 -3.94 -4.49 1.76
N SER A 21 -2.78 -3.93 1.54
CA SER A 21 -1.96 -4.36 0.36
C SER A 21 -0.99 -5.49 0.70
N ARG A 22 -0.38 -6.06 -0.31
CA ARG A 22 0.58 -7.17 -0.09
C ARG A 22 2.02 -6.64 -0.11
N CYS A 23 2.37 -5.83 -1.08
CA CYS A 23 3.77 -5.30 -1.12
C CYS A 23 3.95 -4.20 -0.07
N CYS A 24 5.15 -3.70 0.12
CA CYS A 24 5.42 -2.64 1.15
C CYS A 24 5.28 -3.23 2.57
N NH2 A 25 4.15 -3.76 2.93
HN1 NH2 A 25 4.06 -4.16 3.82
HN2 NH2 A 25 3.38 -3.77 2.31
N VAL A 1 -9.58 -2.21 -4.20
CA VAL A 1 -8.83 -2.03 -2.93
C VAL A 1 -7.43 -2.64 -3.06
N DAL A 2 -6.63 -2.56 -2.02
CA DAL A 2 -5.25 -3.12 -2.08
CB DAL A 2 -4.77 -3.19 -0.63
C DAL A 2 -4.31 -2.24 -2.93
O DAL A 2 -3.29 -1.76 -2.47
H DAL A 2 -6.95 -2.13 -1.21
HA DAL A 2 -5.27 -4.12 -2.49
HB1 DAL A 2 -3.76 -3.57 -0.60
HB2 DAL A 2 -5.41 -3.84 -0.07
HB3 DAL A 2 -4.79 -2.20 -0.19
N GLU A 3 -4.67 -2.06 -4.18
CA GLU A 3 -3.85 -1.27 -5.16
C GLU A 3 -3.15 -0.01 -4.60
N ARG A 4 -3.82 0.77 -3.79
CA ARG A 4 -3.18 2.06 -3.28
C ARG A 4 -1.71 1.89 -2.93
N CYS A 5 -1.38 0.89 -2.17
CA CYS A 5 0.05 0.71 -1.78
C CYS A 5 0.97 0.70 -3.01
N CYS A 6 0.88 -0.30 -3.83
CA CYS A 6 1.77 -0.35 -5.03
C CYS A 6 1.41 0.81 -6.00
N LYS A 7 0.19 1.28 -5.98
CA LYS A 7 -0.21 2.42 -6.87
C LYS A 7 0.45 3.72 -6.40
N ASN A 8 0.66 3.84 -5.12
CA ASN A 8 1.25 5.10 -4.56
C ASN A 8 2.77 5.11 -4.56
N GLY A 9 3.39 4.01 -4.83
CA GLY A 9 4.88 3.99 -4.82
C GLY A 9 5.39 4.36 -3.43
N LYS A 10 5.97 5.51 -3.27
CA LYS A 10 6.49 5.93 -1.93
C LYS A 10 5.33 6.16 -0.96
N ARG A 11 4.16 6.45 -1.49
CA ARG A 11 2.99 6.68 -0.59
C ARG A 11 2.32 5.35 -0.24
N GLY A 12 2.72 4.29 -0.88
CA GLY A 12 2.13 2.96 -0.60
C GLY A 12 2.47 2.53 0.82
N CYS A 13 3.74 2.39 1.12
CA CYS A 13 4.14 1.97 2.51
C CYS A 13 3.37 2.79 3.55
N GLY A 14 2.44 2.17 4.21
CA GLY A 14 1.62 2.89 5.24
C GLY A 14 0.74 1.88 5.97
N ARG A 15 0.06 2.29 7.01
CA ARG A 15 -0.82 1.34 7.78
C ARG A 15 -1.83 0.67 6.84
N TRP A 16 -2.55 1.44 6.08
CA TRP A 16 -3.56 0.84 5.14
C TRP A 16 -2.88 -0.24 4.29
N CYS A 17 -1.83 0.13 3.60
CA CYS A 17 -1.11 -0.89 2.76
C CYS A 17 -0.63 -2.00 3.67
N ARG A 18 0.00 -1.65 4.76
CA ARG A 18 0.52 -2.67 5.73
C ARG A 18 -0.58 -3.70 6.06
N ASP A 19 -1.82 -3.28 6.14
CA ASP A 19 -2.92 -4.24 6.49
C ASP A 19 -3.64 -4.76 5.23
N HIS A 20 -3.94 -3.89 4.29
CA HIS A 20 -4.69 -4.33 3.08
C HIS A 20 -3.77 -4.71 1.92
N SER A 21 -2.73 -3.96 1.70
CA SER A 21 -1.82 -4.23 0.54
C SER A 21 -0.74 -5.25 0.88
N ARG A 22 -0.18 -5.85 -0.14
CA ARG A 22 0.92 -6.83 0.05
C ARG A 22 2.26 -6.14 -0.15
N CYS A 23 2.27 -5.00 -0.82
CA CYS A 23 3.56 -4.28 -1.03
C CYS A 23 4.04 -3.76 0.34
N CYS A 24 5.25 -3.27 0.44
CA CYS A 24 5.77 -2.76 1.74
C CYS A 24 5.88 -3.93 2.74
N NH2 A 25 6.37 -5.07 2.33
HN1 NH2 A 25 6.44 -5.83 2.95
HN2 NH2 A 25 6.68 -5.17 1.41
N VAL A 1 -9.20 -3.52 -3.87
CA VAL A 1 -8.55 -2.90 -2.68
C VAL A 1 -7.03 -3.08 -2.76
N DAL A 2 -6.30 -2.50 -1.84
CA DAL A 2 -4.80 -2.64 -1.85
CB DAL A 2 -4.36 -2.33 -0.42
C DAL A 2 -4.14 -1.65 -2.84
O DAL A 2 -3.19 -0.98 -2.51
H DAL A 2 -6.73 -1.98 -1.15
HA DAL A 2 -4.54 -3.65 -2.11
HB1 DAL A 2 -3.74 -1.46 -0.42
HB2 DAL A 2 -3.81 -3.17 -0.04
HB3 DAL A 2 -5.23 -2.15 0.19
N GLU A 3 -4.64 -1.59 -4.06
CA GLU A 3 -4.06 -0.70 -5.12
C GLU A 3 -3.30 0.51 -4.58
N ARG A 4 -3.89 1.30 -3.72
CA ARG A 4 -3.20 2.53 -3.19
C ARG A 4 -1.74 2.22 -2.83
N CYS A 5 -1.50 1.18 -2.10
CA CYS A 5 -0.09 0.85 -1.70
C CYS A 5 0.81 0.68 -2.92
N CYS A 6 0.46 -0.21 -3.81
CA CYS A 6 1.32 -0.42 -5.02
C CYS A 6 1.21 0.78 -5.98
N LYS A 7 0.04 1.37 -6.11
CA LYS A 7 -0.10 2.55 -7.02
C LYS A 7 0.75 3.72 -6.55
N ASN A 8 0.79 3.95 -5.27
CA ASN A 8 1.57 5.10 -4.71
C ASN A 8 3.07 4.83 -4.66
N GLY A 9 3.47 3.61 -4.86
CA GLY A 9 4.93 3.29 -4.78
C GLY A 9 5.40 3.57 -3.36
N LYS A 10 6.28 4.53 -3.18
CA LYS A 10 6.77 4.86 -1.80
C LYS A 10 5.63 5.45 -0.95
N ARG A 11 4.65 6.03 -1.59
CA ARG A 11 3.49 6.62 -0.81
C ARG A 11 2.56 5.50 -0.35
N GLY A 12 2.67 4.34 -0.93
CA GLY A 12 1.80 3.21 -0.53
C GLY A 12 2.16 2.74 0.87
N CYS A 13 3.42 2.82 1.24
CA CYS A 13 3.84 2.38 2.60
C CYS A 13 3.01 3.11 3.67
N GLY A 14 2.13 2.41 4.33
CA GLY A 14 1.29 3.05 5.38
C GLY A 14 0.48 1.97 6.10
N ARG A 15 -0.07 2.29 7.25
CA ARG A 15 -0.87 1.28 8.02
C ARG A 15 -1.92 0.59 7.13
N TRP A 16 -2.63 1.32 6.32
CA TRP A 16 -3.65 0.67 5.44
C TRP A 16 -2.98 -0.31 4.48
N CYS A 17 -2.03 0.15 3.71
CA CYS A 17 -1.33 -0.78 2.77
C CYS A 17 -0.81 -1.98 3.57
N ARG A 18 -0.09 -1.72 4.62
CA ARG A 18 0.43 -2.84 5.48
C ARG A 18 -0.68 -3.83 5.84
N ASP A 19 -1.89 -3.37 5.99
CA ASP A 19 -3.03 -4.28 6.36
C ASP A 19 -3.81 -4.77 5.13
N HIS A 20 -3.98 -3.93 4.14
CA HIS A 20 -4.76 -4.34 2.93
C HIS A 20 -3.87 -4.65 1.71
N SER A 21 -2.60 -4.35 1.77
CA SER A 21 -1.72 -4.57 0.58
C SER A 21 -0.44 -5.32 0.93
N ARG A 22 0.04 -6.13 0.01
CA ARG A 22 1.32 -6.86 0.24
C ARG A 22 2.50 -5.94 -0.11
N CYS A 23 2.26 -4.91 -0.89
CA CYS A 23 3.35 -3.96 -1.26
C CYS A 23 3.97 -3.36 0.01
N CYS A 24 5.06 -2.66 -0.10
CA CYS A 24 5.72 -2.07 1.11
C CYS A 24 6.21 -3.20 2.02
N NH2 A 25 6.46 -4.39 1.53
HN1 NH2 A 25 6.77 -5.11 2.10
HN2 NH2 A 25 6.34 -4.54 0.57
N VAL A 1 -10.22 -4.26 -1.51
CA VAL A 1 -9.30 -3.30 -2.18
C VAL A 1 -7.84 -3.65 -1.84
N DAL A 2 -6.91 -2.93 -2.40
CA DAL A 2 -5.46 -3.23 -2.13
CB DAL A 2 -5.11 -2.44 -0.86
C DAL A 2 -4.59 -2.77 -3.30
O DAL A 2 -3.88 -3.56 -3.89
H DAL A 2 -7.14 -2.20 -3.01
HA DAL A 2 -5.33 -4.27 -1.94
HB1 DAL A 2 -4.60 -1.53 -1.13
HB2 DAL A 2 -4.45 -3.03 -0.24
HB3 DAL A 2 -6.01 -2.21 -0.32
N GLU A 3 -4.65 -1.52 -3.66
CA GLU A 3 -3.83 -1.04 -4.82
C GLU A 3 -3.03 0.23 -4.47
N ARG A 4 -3.61 1.14 -3.73
CA ARG A 4 -2.91 2.42 -3.39
C ARG A 4 -1.45 2.18 -2.98
N CYS A 5 -1.17 1.10 -2.30
CA CYS A 5 0.25 0.85 -1.88
C CYS A 5 1.17 0.78 -3.11
N CYS A 6 1.01 -0.22 -3.94
CA CYS A 6 1.89 -0.31 -5.15
C CYS A 6 1.65 0.91 -6.05
N LYS A 7 0.42 1.34 -6.16
CA LYS A 7 0.11 2.55 -6.99
C LYS A 7 0.99 3.73 -6.58
N ASN A 8 1.15 3.94 -5.31
CA ASN A 8 1.95 5.10 -4.83
C ASN A 8 3.38 4.69 -4.45
N GLY A 9 3.76 3.47 -4.67
CA GLY A 9 5.15 3.06 -4.33
C GLY A 9 5.47 3.44 -2.89
N LYS A 10 6.37 4.37 -2.69
CA LYS A 10 6.73 4.81 -1.31
C LYS A 10 5.58 5.56 -0.66
N ARG A 11 4.70 6.14 -1.47
CA ARG A 11 3.53 6.88 -0.87
C ARG A 11 2.47 5.87 -0.44
N GLY A 12 2.55 4.68 -0.95
CA GLY A 12 1.57 3.63 -0.58
C GLY A 12 1.91 3.08 0.80
N CYS A 13 3.18 3.03 1.14
CA CYS A 13 3.59 2.51 2.48
C CYS A 13 2.78 3.17 3.59
N GLY A 14 2.13 2.38 4.40
CA GLY A 14 1.29 2.94 5.50
C GLY A 14 0.46 1.82 6.09
N ARG A 15 -0.09 2.03 7.27
CA ARG A 15 -0.90 0.95 7.92
C ARG A 15 -1.96 0.42 6.93
N TRP A 16 -2.55 1.28 6.14
CA TRP A 16 -3.57 0.79 5.14
C TRP A 16 -2.89 -0.22 4.21
N CYS A 17 -1.82 0.17 3.57
CA CYS A 17 -1.12 -0.79 2.66
C CYS A 17 -0.68 -1.99 3.50
N ARG A 18 -0.03 -1.73 4.61
CA ARG A 18 0.44 -2.82 5.49
C ARG A 18 -0.67 -3.84 5.77
N ASP A 19 -1.89 -3.38 5.96
CA ASP A 19 -3.03 -4.30 6.26
C ASP A 19 -3.81 -4.69 5.00
N HIS A 20 -4.03 -3.78 4.09
CA HIS A 20 -4.83 -4.09 2.86
C HIS A 20 -3.94 -4.45 1.67
N SER A 21 -2.87 -3.74 1.49
CA SER A 21 -1.98 -3.98 0.33
C SER A 21 -0.91 -5.03 0.65
N ARG A 22 -0.22 -5.49 -0.36
CA ARG A 22 0.87 -6.49 -0.15
C ARG A 22 2.23 -5.83 -0.40
N CYS A 23 2.26 -4.71 -1.09
CA CYS A 23 3.56 -4.01 -1.35
C CYS A 23 4.06 -3.34 -0.07
N CYS A 24 5.17 -2.65 -0.14
CA CYS A 24 5.75 -1.95 1.06
C CYS A 24 6.34 -2.98 2.05
N NH2 A 25 5.61 -3.99 2.43
HN1 NH2 A 25 5.99 -4.64 3.06
HN2 NH2 A 25 4.70 -4.11 2.09
N VAL A 1 -9.50 -1.76 -4.20
CA VAL A 1 -8.72 -1.37 -2.99
C VAL A 1 -7.39 -2.13 -2.96
N DAL A 2 -6.58 -1.92 -1.95
CA DAL A 2 -5.26 -2.64 -1.87
CB DAL A 2 -4.88 -2.56 -0.39
C DAL A 2 -4.20 -1.97 -2.76
O DAL A 2 -3.05 -1.76 -2.36
H DAL A 2 -6.84 -1.31 -1.25
HA DAL A 2 -5.37 -3.68 -2.16
HB1 DAL A 2 -4.07 -1.86 -0.26
HB2 DAL A 2 -4.56 -3.53 -0.05
HB3 DAL A 2 -5.73 -2.23 0.19
N GLU A 3 -4.56 -1.65 -3.97
CA GLU A 3 -3.64 -1.04 -4.98
C GLU A 3 -2.77 0.12 -4.46
N ARG A 4 -3.27 0.92 -3.56
CA ARG A 4 -2.48 2.12 -3.10
C ARG A 4 -1.00 1.82 -2.87
N CYS A 5 -0.67 0.87 -2.03
CA CYS A 5 0.78 0.58 -1.76
C CYS A 5 1.59 0.35 -3.04
N CYS A 6 1.32 -0.69 -3.76
CA CYS A 6 2.11 -0.98 -5.01
C CYS A 6 1.86 0.09 -6.09
N LYS A 7 0.74 0.75 -6.09
CA LYS A 7 0.49 1.79 -7.14
C LYS A 7 1.08 3.14 -6.74
N ASN A 8 0.87 3.57 -5.53
CA ASN A 8 1.39 4.90 -5.10
C ASN A 8 2.80 4.81 -4.54
N GLY A 9 3.32 3.63 -4.35
CA GLY A 9 4.70 3.47 -3.83
C GLY A 9 4.86 4.26 -2.53
N LYS A 10 5.57 5.36 -2.58
CA LYS A 10 5.79 6.19 -1.37
C LYS A 10 4.45 6.72 -0.84
N ARG A 11 3.47 6.86 -1.70
CA ARG A 11 2.15 7.37 -1.23
C ARG A 11 1.25 6.22 -0.78
N GLY A 12 1.62 5.01 -1.13
CA GLY A 12 0.78 3.84 -0.73
C GLY A 12 1.42 3.09 0.43
N CYS A 13 2.73 3.09 0.55
CA CYS A 13 3.38 2.35 1.67
C CYS A 13 2.96 2.96 3.01
N GLY A 14 2.41 2.16 3.89
CA GLY A 14 1.95 2.67 5.22
C GLY A 14 1.16 1.58 5.94
N ARG A 15 0.69 1.83 7.14
CA ARG A 15 -0.07 0.79 7.89
C ARG A 15 -1.26 0.28 7.06
N TRP A 16 -1.99 1.17 6.41
CA TRP A 16 -3.13 0.72 5.57
C TRP A 16 -2.62 -0.29 4.55
N CYS A 17 -1.59 0.06 3.84
CA CYS A 17 -1.01 -0.87 2.84
C CYS A 17 -0.52 -2.12 3.54
N ARG A 18 0.30 -1.96 4.54
CA ARG A 18 0.81 -3.16 5.29
C ARG A 18 -0.36 -4.06 5.71
N ASP A 19 -1.50 -3.48 5.97
CA ASP A 19 -2.68 -4.30 6.38
C ASP A 19 -3.53 -4.70 5.17
N HIS A 20 -3.85 -3.77 4.32
CA HIS A 20 -4.70 -4.10 3.13
C HIS A 20 -3.84 -4.49 1.91
N SER A 21 -2.85 -3.70 1.60
CA SER A 21 -1.97 -3.99 0.42
C SER A 21 -1.11 -5.24 0.66
N ARG A 22 -0.42 -5.68 -0.36
CA ARG A 22 0.45 -6.89 -0.20
C ARG A 22 1.91 -6.45 -0.11
N CYS A 23 2.32 -5.47 -0.86
CA CYS A 23 3.75 -5.00 -0.78
C CYS A 23 3.90 -3.99 0.36
N CYS A 24 5.12 -3.72 0.79
CA CYS A 24 5.36 -2.75 1.91
C CYS A 24 4.66 -3.21 3.19
N NH2 A 25 4.57 -4.48 3.45
HN1 NH2 A 25 4.12 -4.78 4.27
HN2 NH2 A 25 4.94 -5.15 2.82
N VAL A 1 -10.25 -4.20 -0.63
CA VAL A 1 -9.47 -3.16 -1.38
C VAL A 1 -7.97 -3.46 -1.29
N DAL A 2 -7.19 -2.92 -2.20
CA DAL A 2 -5.72 -3.18 -2.20
CB DAL A 2 -5.14 -2.42 -1.02
C DAL A 2 -5.11 -2.68 -3.52
O DAL A 2 -4.58 -3.45 -4.30
H DAL A 2 -7.59 -2.35 -2.88
HA DAL A 2 -5.53 -4.23 -2.09
HB1 DAL A 2 -5.93 -2.08 -0.39
HB2 DAL A 2 -4.57 -1.57 -1.38
HB3 DAL A 2 -4.49 -3.06 -0.45
N GLU A 3 -5.21 -1.40 -3.78
CA GLU A 3 -4.66 -0.86 -5.07
C GLU A 3 -3.87 0.45 -4.88
N ARG A 4 -3.92 1.04 -3.71
CA ARG A 4 -3.19 2.35 -3.52
C ARG A 4 -1.70 2.15 -3.20
N CYS A 5 -1.39 1.21 -2.34
CA CYS A 5 0.02 0.98 -1.92
C CYS A 5 1.00 0.87 -3.09
N CYS A 6 1.03 -0.25 -3.78
CA CYS A 6 1.99 -0.43 -4.90
C CYS A 6 1.96 0.79 -5.84
N LYS A 7 0.78 1.25 -6.21
CA LYS A 7 0.69 2.42 -7.14
C LYS A 7 1.39 3.66 -6.54
N ASN A 8 1.18 3.90 -5.27
CA ASN A 8 1.78 5.12 -4.63
C ASN A 8 3.29 4.98 -4.39
N GLY A 9 3.85 3.82 -4.63
CA GLY A 9 5.30 3.65 -4.39
C GLY A 9 5.62 3.97 -2.94
N LYS A 10 6.44 4.96 -2.72
CA LYS A 10 6.79 5.34 -1.31
C LYS A 10 5.53 5.76 -0.56
N ARG A 11 4.57 6.30 -1.25
CA ARG A 11 3.28 6.72 -0.58
C ARG A 11 2.48 5.48 -0.23
N GLY A 12 2.77 4.38 -0.86
CA GLY A 12 2.03 3.12 -0.58
C GLY A 12 2.44 2.58 0.80
N CYS A 13 3.64 2.84 1.23
CA CYS A 13 4.07 2.33 2.57
C CYS A 13 3.28 3.04 3.67
N GLY A 14 2.19 2.44 4.06
CA GLY A 14 1.35 3.06 5.12
C GLY A 14 0.53 1.96 5.81
N ARG A 15 -0.10 2.26 6.91
CA ARG A 15 -0.91 1.22 7.65
C ARG A 15 -1.91 0.56 6.69
N TRP A 16 -2.67 1.36 5.97
CA TRP A 16 -3.67 0.80 5.02
C TRP A 16 -2.99 -0.22 4.10
N CYS A 17 -1.94 0.18 3.43
CA CYS A 17 -1.22 -0.78 2.54
C CYS A 17 -0.73 -1.94 3.39
N ARG A 18 -0.08 -1.64 4.49
CA ARG A 18 0.43 -2.71 5.40
C ARG A 18 -0.66 -3.76 5.67
N ASP A 19 -1.90 -3.35 5.74
CA ASP A 19 -3.01 -4.32 6.00
C ASP A 19 -3.68 -4.78 4.70
N HIS A 20 -4.01 -3.86 3.84
CA HIS A 20 -4.73 -4.21 2.56
C HIS A 20 -3.77 -4.56 1.43
N SER A 21 -2.66 -3.90 1.35
CA SER A 21 -1.71 -4.16 0.22
C SER A 21 -0.65 -5.20 0.58
N ARG A 22 0.00 -5.73 -0.42
CA ARG A 22 1.07 -6.75 -0.18
C ARG A 22 2.44 -6.05 -0.19
N CYS A 23 2.68 -5.17 -1.13
CA CYS A 23 4.01 -4.46 -1.15
C CYS A 23 4.10 -3.50 0.04
N CYS A 24 5.27 -2.97 0.32
CA CYS A 24 5.44 -2.04 1.48
C CYS A 24 5.12 -2.76 2.80
N NH2 A 25 5.09 -2.08 3.91
HN1 NH2 A 25 4.91 -2.53 4.76
HN2 NH2 A 25 5.26 -1.11 3.90
#